data_3FK8
#
_entry.id   3FK8
#
_cell.length_a   35.325
_cell.length_b   50.236
_cell.length_c   65.858
_cell.angle_alpha   90.00
_cell.angle_beta   90.00
_cell.angle_gamma   90.00
#
_symmetry.space_group_name_H-M   'P 21 21 21'
#
loop_
_entity.id
_entity.type
_entity.pdbx_description
1 polymer 'Disulphide isomerase'
2 non-polymer 'FORMIC ACID'
3 water water
#
_entity_poly.entity_id   1
_entity_poly.type   'polypeptide(L)'
_entity_poly.pdbx_seq_one_letter_code
;SNALNLPYDEHADAWTQVKKALAAGKRTHKPTLLVFGANWCTDCRALDKSLRNQKNTALIAKHFEVVKIDVGNFDRNLEL
SQAYGDPIQDGIPAVVVVNSDGKVRYTTKGGELANARK(MSE)SDQGIYDFFAKITE
;
_entity_poly.pdbx_strand_id   A
#
# COMPACT_ATOMS: atom_id res chain seq x y z
N ALA A 3 21.21 -6.72 -1.98
CA ALA A 3 20.06 -7.01 -2.90
C ALA A 3 19.61 -5.79 -3.71
N LEU A 4 19.40 -6.02 -5.00
CA LEU A 4 19.14 -4.94 -5.95
C LEU A 4 17.64 -4.74 -6.12
N ASN A 5 17.21 -3.49 -6.23
CA ASN A 5 15.79 -3.13 -6.49
C ASN A 5 14.74 -3.59 -5.46
N LEU A 6 15.04 -3.34 -4.19
CA LEU A 6 14.13 -3.60 -3.07
C LEU A 6 12.78 -2.89 -3.17
N PRO A 7 11.68 -3.58 -2.76
CA PRO A 7 10.39 -2.86 -2.94
C PRO A 7 10.18 -1.66 -2.00
N TYR A 8 10.77 -1.71 -0.82
CA TYR A 8 10.62 -0.64 0.15
C TYR A 8 11.89 0.20 0.25
N ASP A 9 11.69 1.50 0.38
CA ASP A 9 12.80 2.42 0.48
C ASP A 9 12.99 2.75 1.95
N GLU A 10 14.01 2.15 2.54
CA GLU A 10 14.25 2.27 3.95
C GLU A 10 14.71 3.68 4.38
N HIS A 11 15.05 4.52 3.40
CA HIS A 11 15.53 5.87 3.62
C HIS A 11 14.49 6.93 3.37
N ALA A 12 13.31 6.52 2.84
CA ALA A 12 12.30 7.49 2.48
C ALA A 12 11.74 8.23 3.71
N ASP A 13 11.36 9.48 3.50
CA ASP A 13 10.58 10.28 4.43
C ASP A 13 9.13 9.90 4.15
N ALA A 14 8.63 8.89 4.85
CA ALA A 14 7.32 8.36 4.49
C ALA A 14 6.20 9.39 4.68
N TRP A 15 6.25 10.21 5.74
CA TRP A 15 5.19 11.22 5.92
C TRP A 15 5.11 12.20 4.74
N THR A 16 6.27 12.63 4.27
N THR A 16 6.25 12.63 4.23
CA THR A 16 6.32 13.52 3.09
CA THR A 16 6.19 13.55 3.08
C THR A 16 5.75 12.82 1.88
C THR A 16 5.83 12.85 1.79
N GLN A 17 6.15 11.55 1.68
CA GLN A 17 5.64 10.77 0.54
C GLN A 17 4.14 10.58 0.60
N VAL A 18 3.60 10.31 1.79
CA VAL A 18 2.16 10.14 1.92
C VAL A 18 1.45 11.48 1.65
N LYS A 19 2.01 12.57 2.18
CA LYS A 19 1.42 13.89 1.96
C LYS A 19 1.34 14.20 0.46
N LYS A 20 2.45 13.93 -0.23
N LYS A 20 2.44 13.97 -0.26
CA LYS A 20 2.55 14.16 -1.68
CA LYS A 20 2.40 14.24 -1.70
C LYS A 20 1.58 13.28 -2.50
C LYS A 20 1.38 13.33 -2.41
N ALA A 21 1.38 12.03 -2.07
CA ALA A 21 0.46 11.12 -2.75
C ALA A 21 -0.99 11.54 -2.50
N LEU A 22 -1.31 11.96 -1.25
CA LEU A 22 -2.64 12.43 -0.93
C LEU A 22 -2.97 13.71 -1.70
N ALA A 23 -1.97 14.58 -1.89
CA ALA A 23 -2.17 15.80 -2.66
C ALA A 23 -2.49 15.45 -4.13
N ALA A 24 -1.80 14.42 -4.63
CA ALA A 24 -2.00 13.95 -6.02
C ALA A 24 -3.39 13.34 -6.15
N GLY A 25 -3.82 12.57 -5.17
CA GLY A 25 -5.16 12.00 -5.16
C GLY A 25 -6.25 13.05 -5.13
N LYS A 26 -6.07 14.08 -4.31
CA LYS A 26 -7.03 15.18 -4.31
CA LYS A 26 -7.03 15.19 -4.31
C LYS A 26 -7.11 15.85 -5.69
N ARG A 27 -5.94 16.13 -6.27
CA ARG A 27 -5.82 16.77 -7.59
CA ARG A 27 -5.81 16.77 -7.58
C ARG A 27 -6.48 15.95 -8.69
N THR A 28 -6.23 14.66 -8.69
CA THR A 28 -6.72 13.74 -9.75
C THR A 28 -8.07 13.11 -9.42
N HIS A 29 -8.60 13.38 -8.22
CA HIS A 29 -9.84 12.74 -7.72
C HIS A 29 -9.71 11.22 -7.71
N LYS A 30 -8.60 10.74 -7.18
CA LYS A 30 -8.36 9.31 -7.03
CA LYS A 30 -8.30 9.32 -7.04
C LYS A 30 -8.05 8.98 -5.57
N PRO A 31 -8.45 7.79 -5.15
CA PRO A 31 -7.99 7.32 -3.84
C PRO A 31 -6.48 7.04 -3.83
N THR A 32 -5.89 7.07 -2.64
CA THR A 32 -4.49 6.73 -2.44
C THR A 32 -4.39 5.38 -1.74
N LEU A 33 -3.50 4.54 -2.22
CA LEU A 33 -3.22 3.24 -1.63
C LEU A 33 -1.90 3.33 -0.87
N LEU A 34 -2.00 3.13 0.43
CA LEU A 34 -0.81 3.04 1.28
C LEU A 34 -0.50 1.55 1.53
N VAL A 35 0.71 1.14 1.17
CA VAL A 35 1.11 -0.26 1.30
C VAL A 35 2.20 -0.34 2.34
N PHE A 36 1.86 -0.94 3.49
CA PHE A 36 2.82 -1.08 4.61
C PHE A 36 3.50 -2.43 4.55
N GLY A 37 4.83 -2.46 4.62
CA GLY A 37 5.53 -3.73 4.53
C GLY A 37 7.01 -3.51 4.78
N ALA A 38 7.83 -4.50 4.41
CA ALA A 38 9.25 -4.39 4.63
C ALA A 38 9.93 -5.35 3.68
N ASN A 39 11.22 -5.11 3.42
CA ASN A 39 11.96 -5.93 2.47
C ASN A 39 12.26 -7.33 2.93
N TRP A 40 12.31 -7.56 4.24
CA TRP A 40 12.57 -8.89 4.77
C TRP A 40 11.39 -9.82 4.61
N CYS A 41 10.19 -9.27 4.38
CA CYS A 41 8.99 -10.08 4.40
C CYS A 41 8.65 -10.66 3.04
N THR A 42 8.69 -11.99 2.97
CA THR A 42 8.51 -12.65 1.69
CA THR A 42 8.47 -12.69 1.74
C THR A 42 7.10 -12.40 1.14
N ASP A 43 6.07 -12.25 2.00
CA ASP A 43 4.75 -11.90 1.50
C ASP A 43 4.70 -10.52 0.91
N CYS A 44 5.45 -9.58 1.50
CA CYS A 44 5.53 -8.22 0.94
C CYS A 44 6.24 -8.23 -0.41
N ARG A 45 7.32 -9.01 -0.52
CA ARG A 45 8.01 -9.09 -1.79
C ARG A 45 7.11 -9.72 -2.86
N ALA A 46 6.36 -10.76 -2.48
CA ALA A 46 5.45 -11.38 -3.44
C ALA A 46 4.33 -10.45 -3.90
N LEU A 47 3.76 -9.67 -2.96
CA LEU A 47 2.73 -8.74 -3.34
C LEU A 47 3.29 -7.73 -4.34
N ASP A 48 4.48 -7.18 -4.05
CA ASP A 48 5.07 -6.21 -4.95
C ASP A 48 5.32 -6.81 -6.33
N LYS A 49 5.83 -8.04 -6.39
CA LYS A 49 6.09 -8.67 -7.68
C LYS A 49 4.79 -8.81 -8.48
N SER A 50 3.72 -9.25 -7.85
CA SER A 50 2.45 -9.35 -8.54
C SER A 50 1.89 -8.02 -9.01
N LEU A 51 1.98 -7.00 -8.17
CA LEU A 51 1.48 -5.69 -8.54
C LEU A 51 2.25 -5.06 -9.69
N ARG A 52 3.48 -5.57 -9.91
N ARG A 52 3.48 -5.53 -9.94
CA ARG A 52 4.36 -5.13 -10.99
CA ARG A 52 4.26 -4.99 -11.06
C ARG A 52 3.96 -5.69 -12.34
C ARG A 52 4.10 -5.82 -12.34
N ASN A 53 3.15 -6.76 -12.37
CA ASN A 53 2.84 -7.38 -13.67
C ASN A 53 1.98 -6.44 -14.52
N GLN A 54 1.85 -6.72 -15.81
CA GLN A 54 1.19 -5.80 -16.70
CA GLN A 54 1.18 -5.76 -16.67
C GLN A 54 -0.29 -5.57 -16.36
N LYS A 55 -1.03 -6.66 -16.13
CA LYS A 55 -2.47 -6.54 -15.80
C LYS A 55 -2.68 -5.76 -14.50
N ASN A 56 -1.89 -6.10 -13.50
CA ASN A 56 -2.11 -5.50 -12.21
C ASN A 56 -1.60 -4.06 -12.17
N THR A 57 -0.49 -3.77 -12.83
CA THR A 57 0.06 -2.39 -12.94
C THR A 57 -1.02 -1.49 -13.54
N ALA A 58 -1.69 -1.96 -14.60
CA ALA A 58 -2.66 -1.13 -15.26
C ALA A 58 -3.82 -0.86 -14.35
N LEU A 59 -4.29 -1.88 -13.63
CA LEU A 59 -5.41 -1.66 -12.67
C LEU A 59 -5.03 -0.62 -11.60
N ILE A 60 -3.83 -0.77 -11.03
CA ILE A 60 -3.44 0.09 -9.90
C ILE A 60 -3.18 1.52 -10.42
N ALA A 61 -2.48 1.64 -11.55
CA ALA A 61 -2.15 2.97 -12.07
C ALA A 61 -3.41 3.75 -12.46
N LYS A 62 -4.40 3.06 -13.02
CA LYS A 62 -5.61 3.75 -13.43
C LYS A 62 -6.42 4.29 -12.23
N HIS A 63 -6.41 3.54 -11.13
CA HIS A 63 -7.32 3.81 -10.03
C HIS A 63 -6.76 4.45 -8.79
N PHE A 64 -5.45 4.39 -8.57
CA PHE A 64 -4.86 4.83 -7.29
C PHE A 64 -3.63 5.65 -7.47
N GLU A 65 -3.40 6.52 -6.50
CA GLU A 65 -2.03 7.01 -6.22
C GLU A 65 -1.48 6.00 -5.23
N VAL A 66 -0.19 5.73 -5.25
CA VAL A 66 0.35 4.63 -4.40
C VAL A 66 1.60 5.09 -3.65
N VAL A 67 1.70 4.71 -2.39
CA VAL A 67 2.89 4.94 -1.55
CA VAL A 67 2.91 4.91 -1.65
C VAL A 67 3.20 3.67 -0.81
N LYS A 68 4.48 3.25 -0.85
CA LYS A 68 4.97 2.12 -0.04
C LYS A 68 5.63 2.64 1.20
N ILE A 69 5.22 2.15 2.37
CA ILE A 69 5.74 2.61 3.65
C ILE A 69 6.50 1.45 4.32
N ASP A 70 7.81 1.63 4.47
CA ASP A 70 8.65 0.67 5.19
C ASP A 70 8.36 0.69 6.67
N VAL A 71 8.07 -0.49 7.24
CA VAL A 71 7.90 -0.60 8.68
C VAL A 71 9.07 -1.31 9.33
N GLY A 72 10.11 -1.63 8.56
CA GLY A 72 11.30 -2.25 9.15
C GLY A 72 10.94 -3.56 9.84
N ASN A 73 11.65 -3.83 10.94
CA ASN A 73 11.31 -5.00 11.79
C ASN A 73 10.23 -4.62 12.77
N PHE A 74 9.08 -4.19 12.24
CA PHE A 74 8.06 -3.59 13.08
C PHE A 74 8.66 -2.51 14.00
N ASP A 75 9.50 -1.64 13.42
CA ASP A 75 10.21 -0.65 14.23
C ASP A 75 10.49 0.61 13.45
N ARG A 76 9.81 0.83 12.33
CA ARG A 76 9.96 2.08 11.57
CA ARG A 76 9.98 2.07 11.56
C ARG A 76 8.58 2.55 11.17
N ASN A 77 8.39 3.86 11.12
CA ASN A 77 7.12 4.46 10.68
C ASN A 77 5.91 3.95 11.42
N LEU A 78 6.10 3.55 12.69
CA LEU A 78 4.95 2.98 13.39
C LEU A 78 3.87 4.00 13.65
N GLU A 79 4.24 5.25 13.84
CA GLU A 79 3.23 6.27 14.08
C GLU A 79 2.40 6.55 12.83
N LEU A 80 2.97 6.31 11.66
N LEU A 80 2.99 6.33 11.66
CA LEU A 80 2.21 6.48 10.45
CA LEU A 80 2.24 6.43 10.41
C LEU A 80 1.20 5.34 10.29
C LEU A 80 1.17 5.36 10.36
N SER A 81 1.57 4.12 10.67
CA SER A 81 0.58 3.06 10.77
C SER A 81 -0.53 3.45 11.79
N GLN A 82 -0.13 3.90 12.96
CA GLN A 82 -1.14 4.24 13.97
C GLN A 82 -2.09 5.32 13.48
N ALA A 83 -1.59 6.28 12.69
CA ALA A 83 -2.41 7.41 12.24
C ALA A 83 -3.53 6.98 11.31
N TYR A 84 -3.28 5.86 10.60
CA TYR A 84 -4.14 5.40 9.52
C TYR A 84 -4.83 4.11 9.90
N GLY A 85 -4.99 3.88 11.20
CA GLY A 85 -5.85 2.81 11.66
C GLY A 85 -5.19 1.49 11.99
N ASP A 86 -3.89 1.51 12.31
CA ASP A 86 -3.12 0.32 12.69
C ASP A 86 -3.17 -0.83 11.71
N PRO A 87 -3.00 -0.58 10.41
CA PRO A 87 -3.16 -1.65 9.45
C PRO A 87 -2.20 -2.83 9.70
N ILE A 88 -1.01 -2.57 10.24
CA ILE A 88 0.00 -3.63 10.36
C ILE A 88 -0.21 -4.52 11.56
N GLN A 89 -1.09 -4.14 12.47
CA GLN A 89 -1.17 -4.96 13.71
C GLN A 89 -1.73 -6.36 13.44
N ASP A 90 -2.33 -6.50 12.29
CA ASP A 90 -2.95 -7.64 11.87
C ASP A 90 -2.09 -8.43 10.85
N GLY A 91 -0.82 -8.00 10.64
CA GLY A 91 0.19 -8.60 9.75
C GLY A 91 0.56 -7.69 8.58
N ILE A 92 1.70 -7.98 7.96
CA ILE A 92 2.14 -7.34 6.72
C ILE A 92 2.26 -8.36 5.60
N PRO A 93 2.12 -7.92 4.34
CA PRO A 93 1.78 -6.54 3.93
C PRO A 93 0.38 -6.19 4.32
N ALA A 94 0.13 -4.91 4.52
CA ALA A 94 -1.18 -4.36 4.88
C ALA A 94 -1.44 -3.13 4.07
N VAL A 95 -2.71 -2.84 3.80
CA VAL A 95 -3.01 -1.67 2.99
C VAL A 95 -4.06 -0.78 3.66
N VAL A 96 -3.97 0.50 3.32
CA VAL A 96 -5.00 1.49 3.66
C VAL A 96 -5.40 2.15 2.34
N VAL A 97 -6.70 2.31 2.13
CA VAL A 97 -7.20 3.08 0.97
C VAL A 97 -7.70 4.39 1.59
N VAL A 98 -7.17 5.51 1.14
CA VAL A 98 -7.61 6.82 1.61
C VAL A 98 -8.35 7.47 0.44
N ASN A 99 -9.53 7.99 0.67
CA ASN A 99 -10.29 8.66 -0.40
C ASN A 99 -9.63 9.96 -0.77
N SER A 100 -10.13 10.51 -1.86
CA SER A 100 -9.55 11.72 -2.45
C SER A 100 -9.65 12.92 -1.52
N ASP A 101 -10.55 12.85 -0.53
CA ASP A 101 -10.65 13.88 0.48
C ASP A 101 -9.72 13.72 1.69
N GLY A 102 -8.88 12.70 1.66
CA GLY A 102 -7.92 12.55 2.75
C GLY A 102 -8.39 11.67 3.91
N LYS A 103 -9.60 11.12 3.80
CA LYS A 103 -10.13 10.30 4.86
C LYS A 103 -10.05 8.83 4.52
N VAL A 104 -9.67 8.02 5.48
CA VAL A 104 -9.55 6.57 5.25
C VAL A 104 -10.90 5.97 4.81
N ARG A 105 -10.88 5.11 3.80
CA ARG A 105 -12.04 4.31 3.40
C ARG A 105 -11.97 2.90 3.92
N TYR A 106 -10.80 2.27 3.81
CA TYR A 106 -10.69 0.86 4.07
C TYR A 106 -9.28 0.57 4.56
N THR A 107 -9.17 -0.34 5.52
CA THR A 107 -7.89 -0.81 5.98
CA THR A 107 -7.86 -0.86 5.89
C THR A 107 -7.97 -2.36 6.06
N THR A 108 -6.87 -3.05 5.83
CA THR A 108 -6.86 -4.51 6.06
C THR A 108 -6.66 -4.74 7.52
N LYS A 109 -7.67 -5.22 8.23
CA LYS A 109 -7.59 -5.43 9.66
CA LYS A 109 -7.48 -5.44 9.67
C LYS A 109 -7.62 -6.91 10.04
N GLY A 110 -7.57 -7.83 9.07
CA GLY A 110 -7.64 -9.28 9.35
C GLY A 110 -6.57 -10.00 8.63
N GLY A 111 -5.47 -9.29 8.32
CA GLY A 111 -4.36 -9.99 7.68
C GLY A 111 -4.76 -10.50 6.32
N GLU A 112 -5.65 -9.76 5.64
CA GLU A 112 -6.14 -10.13 4.30
C GLU A 112 -5.03 -10.43 3.29
N LEU A 113 -3.92 -9.69 3.38
CA LEU A 113 -2.79 -9.88 2.46
C LEU A 113 -1.57 -10.49 3.14
N ALA A 114 -1.73 -10.98 4.37
CA ALA A 114 -0.56 -11.42 5.11
C ALA A 114 0.03 -12.75 4.57
N ASN A 115 -0.73 -13.46 3.73
CA ASN A 115 -0.20 -14.63 3.03
C ASN A 115 -0.09 -14.40 1.55
N ALA A 116 0.26 -13.17 1.14
CA ALA A 116 0.32 -12.85 -0.30
C ALA A 116 1.28 -13.75 -1.08
N ARG A 117 2.31 -14.32 -0.46
CA ARG A 117 3.19 -15.25 -1.22
C ARG A 117 2.46 -16.48 -1.75
N LYS A 118 1.30 -16.82 -1.16
CA LYS A 118 0.52 -17.98 -1.55
C LYS A 118 -0.59 -17.57 -2.50
N SER A 120 -2.54 -16.13 -5.81
CA SER A 120 -2.29 -16.09 -7.26
C SER A 120 -2.34 -14.65 -7.75
N ASP A 121 -1.82 -14.40 -8.96
CA ASP A 121 -1.95 -13.08 -9.56
C ASP A 121 -3.44 -12.69 -9.70
N GLN A 122 -4.30 -13.65 -10.00
CA GLN A 122 -5.71 -13.36 -10.14
C GLN A 122 -6.33 -13.02 -8.77
N GLY A 123 -5.92 -13.72 -7.68
CA GLY A 123 -6.41 -13.40 -6.34
C GLY A 123 -6.00 -11.97 -5.95
N ILE A 124 -4.77 -11.58 -6.29
CA ILE A 124 -4.31 -10.24 -5.98
C ILE A 124 -5.08 -9.21 -6.82
N TYR A 125 -5.22 -9.49 -8.13
CA TYR A 125 -6.03 -8.64 -8.97
C TYR A 125 -7.44 -8.47 -8.39
N ASP A 126 -8.07 -9.57 -8.01
CA ASP A 126 -9.46 -9.50 -7.56
C ASP A 126 -9.56 -8.65 -6.29
N PHE A 127 -8.58 -8.78 -5.40
CA PHE A 127 -8.59 -8.03 -4.14
C PHE A 127 -8.62 -6.51 -4.46
N PHE A 128 -7.73 -6.05 -5.32
CA PHE A 128 -7.67 -4.63 -5.62
C PHE A 128 -8.81 -4.15 -6.52
N ALA A 129 -9.25 -5.03 -7.41
CA ALA A 129 -10.38 -4.72 -8.29
C ALA A 129 -11.65 -4.49 -7.48
N LYS A 130 -11.90 -5.28 -6.42
CA LYS A 130 -13.07 -5.09 -5.56
CA LYS A 130 -13.08 -5.07 -5.61
C LYS A 130 -13.10 -3.67 -5.01
N ILE A 131 -11.94 -3.14 -4.61
CA ILE A 131 -11.88 -1.79 -4.07
C ILE A 131 -12.29 -0.77 -5.16
N THR A 132 -11.97 -1.06 -6.42
CA THR A 132 -12.26 -0.12 -7.51
C THR A 132 -13.72 -0.18 -7.97
N GLU A 133 -14.48 -1.19 -7.52
CA GLU A 133 -15.91 -1.33 -7.86
C GLU A 133 -16.75 -0.22 -7.26
#